data_6C1V
#
_entry.id   6C1V
#
_cell.length_a   37.013
_cell.length_b   40.198
_cell.length_c   105.158
_cell.angle_alpha   84.500
_cell.angle_beta   85.480
_cell.angle_gamma   62.710
#
_symmetry.space_group_name_H-M   'P 1'
#
loop_
_entity.id
_entity.type
_entity.pdbx_description
1 polymer 'Methyl-CpG-binding domain protein 2'
2 polymer '12-mer DNA'
3 polymer '12-mer DNA'
4 non-polymer 'UNKNOWN ATOM OR ION'
5 water water
#
loop_
_entity_poly.entity_id
_entity_poly.type
_entity_poly.pdbx_seq_one_letter_code
_entity_poly.pdbx_strand_id
1 'polypeptide(L)' GATESGKRMDCPALPPGWKKEEVIRKSGLSAGKSDVYYFSPSGKKFRSKPQLARYLGNTVDLSSFDFRTGKMMPSKLQK A,B,E,F
2 'polydeoxyribonucleotide' (DC)(DG)(DG)(DA)(DG)(DT)(DG)(DT)(DA)(DG)(DG)(DC) C,G
3 'polydeoxyribonucleotide' (DG)(DC)(DC)(DT)(DA)(DC)(DA)(DC)(DT)(DC)(DC)(DG) D,H
#
# COMPACT_ATOMS: atom_id res chain seq x y z
N LYS A 7 -8.75 -14.85 24.30
CA LYS A 7 -7.89 -13.76 24.87
C LYS A 7 -7.28 -12.85 23.76
N ARG A 8 -7.90 -11.70 23.47
CA ARG A 8 -7.35 -10.69 22.52
C ARG A 8 -6.59 -9.54 23.24
N MET A 9 -5.30 -9.76 23.47
CA MET A 9 -4.49 -8.88 24.32
C MET A 9 -3.80 -7.79 23.48
N ASP A 10 -3.86 -6.54 23.93
CA ASP A 10 -2.98 -5.52 23.40
C ASP A 10 -1.53 -6.03 23.50
N CYS A 11 -0.69 -5.56 22.62
CA CYS A 11 0.69 -5.95 22.66
C CYS A 11 1.43 -4.64 22.68
N PRO A 12 1.78 -4.19 23.88
CA PRO A 12 2.39 -2.85 24.08
C PRO A 12 3.59 -2.49 23.18
N ALA A 13 4.40 -3.49 22.86
CA ALA A 13 5.66 -3.25 22.17
C ALA A 13 5.50 -3.07 20.67
N LEU A 14 4.31 -3.32 20.16
CA LEU A 14 3.97 -2.94 18.81
C LEU A 14 3.28 -1.61 18.92
N PRO A 15 3.07 -0.93 17.77
CA PRO A 15 2.25 0.26 17.76
C PRO A 15 0.84 0.03 18.36
N PRO A 16 0.10 1.15 18.61
CA PRO A 16 -1.28 1.13 19.16
C PRO A 16 -2.24 0.36 18.28
N GLY A 17 -3.15 -0.40 18.90
CA GLY A 17 -4.15 -1.20 18.21
C GLY A 17 -3.75 -2.64 17.91
N TRP A 18 -2.44 -2.93 17.95
CA TRP A 18 -1.95 -4.26 17.66
C TRP A 18 -2.25 -5.20 18.77
N LYS A 19 -2.84 -6.35 18.45
CA LYS A 19 -3.23 -7.33 19.53
C LYS A 19 -2.58 -8.71 19.27
N LYS A 20 -2.45 -9.50 20.33
CA LYS A 20 -1.77 -10.81 20.38
C LYS A 20 -2.77 -11.80 20.93
N GLU A 21 -2.72 -13.03 20.44
CA GLU A 21 -3.60 -14.10 20.94
C GLU A 21 -2.86 -15.42 20.87
N GLU A 22 -3.01 -16.23 21.88
CA GLU A 22 -2.29 -17.48 21.95
C GLU A 22 -3.36 -18.52 21.94
N VAL A 23 -3.26 -19.51 21.06
CA VAL A 23 -4.27 -20.58 20.98
C VAL A 23 -3.67 -21.96 21.30
N ILE A 24 -4.23 -22.62 22.26
CA ILE A 24 -3.87 -24.03 22.61
C ILE A 24 -4.38 -25.01 21.53
N ARG A 25 -3.47 -25.77 20.92
CA ARG A 25 -3.85 -26.92 20.12
C ARG A 25 -4.56 -28.01 20.92
N LYS A 26 -5.75 -28.37 20.48
CA LYS A 26 -6.61 -29.35 21.12
C LYS A 26 -6.18 -30.76 20.76
N SER A 27 -5.53 -30.96 19.61
CA SER A 27 -5.32 -32.34 19.11
C SER A 27 -4.23 -32.53 18.04
N GLY A 28 -3.99 -33.76 17.68
CA GLY A 28 -2.93 -34.07 16.74
C GLY A 28 -1.67 -34.25 17.54
N LEU A 29 -0.54 -34.27 16.85
CA LEU A 29 0.71 -34.69 17.45
C LEU A 29 1.34 -33.53 18.21
N SER A 30 0.84 -32.31 17.90
CA SER A 30 1.16 -31.10 18.66
C SER A 30 0.10 -30.68 19.75
N ALA A 31 -0.78 -31.61 20.12
CA ALA A 31 -1.76 -31.38 21.21
C ALA A 31 -1.05 -30.70 22.39
N GLY A 32 -1.57 -29.58 22.87
CA GLY A 32 -0.97 -28.88 24.01
C GLY A 32 0.09 -27.82 23.70
N LYS A 33 0.77 -27.90 22.55
CA LYS A 33 1.58 -26.76 22.02
C LYS A 33 0.67 -25.56 21.66
N SER A 34 1.25 -24.39 21.48
CA SER A 34 0.44 -23.20 21.20
C SER A 34 0.89 -22.49 19.93
N ASP A 35 -0.06 -21.87 19.26
CA ASP A 35 0.23 -21.00 18.17
C ASP A 35 -0.10 -19.54 18.63
N VAL A 36 0.74 -18.61 18.21
CA VAL A 36 0.62 -17.19 18.63
C VAL A 36 0.21 -16.49 17.42
N TYR A 37 -0.87 -15.72 17.54
CA TYR A 37 -1.32 -14.92 16.43
C TYR A 37 -1.25 -13.43 16.81
N TYR A 38 -0.93 -12.57 15.84
CA TYR A 38 -1.01 -11.11 16.00
C TYR A 38 -2.05 -10.55 15.04
N PHE A 39 -2.72 -9.48 15.47
CA PHE A 39 -3.71 -8.78 14.69
C PHE A 39 -3.40 -7.26 14.56
N SER A 40 -3.39 -6.75 13.33
CA SER A 40 -3.28 -5.30 13.03
C SER A 40 -4.50 -4.53 13.48
N PRO A 41 -4.41 -3.23 13.54
CA PRO A 41 -5.61 -2.49 13.92
C PRO A 41 -6.81 -2.78 13.01
N SER A 42 -6.56 -2.92 11.71
CA SER A 42 -7.63 -3.34 10.76
C SER A 42 -8.18 -4.74 11.07
N GLY A 43 -7.38 -5.62 11.68
CA GLY A 43 -7.81 -6.99 11.90
C GLY A 43 -7.10 -8.10 11.13
N LYS A 44 -6.13 -7.77 10.26
CA LYS A 44 -5.41 -8.78 9.47
C LYS A 44 -4.60 -9.65 10.43
N LYS A 45 -4.62 -10.96 10.19
CA LYS A 45 -4.03 -11.93 11.07
C LYS A 45 -2.64 -12.27 10.64
N PHE A 46 -1.69 -12.37 11.58
CA PHE A 46 -0.31 -12.71 11.23
C PHE A 46 0.13 -13.90 12.02
N ARG A 47 0.87 -14.79 11.39
CA ARG A 47 1.24 -16.05 12.04
C ARG A 47 2.71 -16.24 12.13
N SER A 48 3.50 -15.26 11.70
CA SER A 48 4.92 -15.33 11.88
C SER A 48 5.55 -13.94 11.89
N LYS A 49 6.83 -13.95 12.19
CA LYS A 49 7.62 -12.77 12.31
C LYS A 49 7.86 -12.08 10.94
N PRO A 50 8.33 -12.83 9.91
CA PRO A 50 8.52 -12.30 8.56
C PRO A 50 7.26 -11.82 7.85
N GLN A 51 6.11 -12.42 8.14
CA GLN A 51 4.85 -11.97 7.60
C GLN A 51 4.52 -10.60 8.22
N LEU A 52 4.81 -10.52 9.51
CA LEU A 52 4.66 -9.29 10.26
C LEU A 52 5.65 -8.21 9.78
N ALA A 53 6.89 -8.61 9.49
CA ALA A 53 7.93 -7.65 8.98
C ALA A 53 7.60 -7.17 7.57
N ARG A 54 7.05 -8.07 6.75
CA ARG A 54 6.68 -7.73 5.38
C ARG A 54 5.55 -6.71 5.45
N TYR A 55 4.67 -6.83 6.45
CA TYR A 55 3.55 -5.89 6.55
C TYR A 55 3.98 -4.51 7.08
N LEU A 56 4.91 -4.50 8.04
CA LEU A 56 5.25 -3.32 8.82
C LEU A 56 6.40 -2.53 8.20
N GLY A 57 7.34 -3.20 7.52
CA GLY A 57 8.47 -2.60 6.88
C GLY A 57 9.34 -1.80 7.84
N ASN A 58 9.61 -0.54 7.47
CA ASN A 58 10.52 0.25 8.29
C ASN A 58 9.80 1.12 9.31
N THR A 59 8.50 0.86 9.55
CA THR A 59 7.78 1.58 10.60
C THR A 59 8.10 1.06 12.00
N VAL A 60 8.72 -0.11 12.11
CA VAL A 60 8.97 -0.72 13.40
C VAL A 60 10.20 -1.60 13.23
N ASP A 61 11.14 -1.55 14.18
CA ASP A 61 12.24 -2.52 14.22
C ASP A 61 11.83 -3.75 15.03
N LEU A 62 11.94 -4.91 14.39
CA LEU A 62 11.50 -6.16 14.92
C LEU A 62 12.69 -7.10 15.11
N SER A 63 13.92 -6.59 15.07
CA SER A 63 15.08 -7.50 15.13
C SER A 63 15.19 -8.19 16.49
N SER A 64 14.90 -7.45 17.55
CA SER A 64 14.92 -8.01 18.93
C SER A 64 13.55 -8.54 19.43
N PHE A 65 12.55 -8.52 18.56
CA PHE A 65 11.15 -8.77 18.94
C PHE A 65 10.93 -10.28 19.00
N ASP A 66 10.51 -10.79 20.15
CA ASP A 66 10.27 -12.22 20.35
C ASP A 66 8.83 -12.49 19.96
N PHE A 67 8.64 -13.20 18.85
CA PHE A 67 7.28 -13.49 18.37
C PHE A 67 6.43 -14.22 19.41
N ARG A 68 7.02 -15.18 20.09
CA ARG A 68 6.26 -16.00 21.04
C ARG A 68 5.65 -15.22 22.19
N THR A 69 6.42 -14.28 22.75
CA THR A 69 6.09 -13.61 24.01
C THR A 69 5.59 -12.20 23.79
N GLY A 70 5.79 -11.66 22.60
CA GLY A 70 5.42 -10.33 22.30
C GLY A 70 6.34 -9.26 22.88
N LYS A 71 7.53 -9.66 23.32
CA LYS A 71 8.44 -8.85 24.08
C LYS A 71 9.70 -8.64 23.27
N MET A 72 10.22 -7.40 23.33
CA MET A 72 11.55 -7.06 22.84
C MET A 72 12.64 -7.62 23.77
N MET A 73 13.66 -8.24 23.19
CA MET A 73 14.69 -8.93 23.94
C MET A 73 15.96 -8.09 23.96
N PRO A 74 16.26 -7.44 25.10
CA PRO A 74 17.55 -6.80 25.30
C PRO A 74 18.65 -7.82 25.55
N GLY B 6 -18.57 -31.74 -14.58
CA GLY B 6 -17.26 -32.35 -14.21
C GLY B 6 -17.22 -33.86 -14.44
N LYS B 7 -16.00 -34.45 -14.30
CA LYS B 7 -15.71 -35.84 -14.69
C LYS B 7 -15.39 -36.72 -13.47
N ARG B 8 -16.28 -37.70 -13.25
CA ARG B 8 -16.01 -38.84 -12.38
C ARG B 8 -15.19 -39.87 -13.13
N MET B 9 -13.96 -40.11 -12.65
CA MET B 9 -13.05 -41.10 -13.25
C MET B 9 -12.82 -42.24 -12.24
N ASP B 10 -13.01 -43.49 -12.68
CA ASP B 10 -12.89 -44.67 -11.80
C ASP B 10 -11.58 -44.59 -11.04
N CYS B 11 -11.66 -44.73 -9.72
CA CYS B 11 -10.47 -44.71 -8.88
C CYS B 11 -10.08 -46.15 -8.56
N PRO B 12 -9.22 -46.75 -9.41
CA PRO B 12 -8.74 -48.16 -9.33
C PRO B 12 -8.19 -48.62 -7.96
N ALA B 13 -7.89 -47.68 -7.03
CA ALA B 13 -7.36 -47.99 -5.68
C ALA B 13 -8.37 -48.19 -4.51
N LEU B 14 -9.63 -47.79 -4.72
CA LEU B 14 -10.74 -48.07 -3.80
C LEU B 14 -11.48 -49.25 -4.44
N PRO B 15 -12.46 -49.86 -3.72
CA PRO B 15 -13.30 -50.90 -4.34
C PRO B 15 -13.97 -50.44 -5.65
N PRO B 16 -14.33 -51.39 -6.52
CA PRO B 16 -14.99 -51.05 -7.79
C PRO B 16 -16.31 -50.31 -7.55
N GLY B 17 -16.68 -49.47 -8.52
CA GLY B 17 -17.81 -48.55 -8.38
C GLY B 17 -17.43 -47.17 -7.84
N TRP B 18 -16.24 -47.05 -7.24
CA TRP B 18 -15.84 -45.78 -6.60
C TRP B 18 -15.28 -44.82 -7.65
N LYS B 19 -15.78 -43.58 -7.63
CA LYS B 19 -15.38 -42.56 -8.56
C LYS B 19 -14.70 -41.44 -7.77
N LYS B 20 -13.75 -40.77 -8.42
CA LYS B 20 -13.09 -39.55 -7.88
C LYS B 20 -13.49 -38.37 -8.74
N GLU B 21 -13.46 -37.15 -8.21
CA GLU B 21 -13.61 -35.99 -9.07
C GLU B 21 -12.82 -34.82 -8.47
N GLU B 22 -12.13 -34.07 -9.33
CA GLU B 22 -11.30 -32.93 -8.95
C GLU B 22 -11.94 -31.70 -9.57
N VAL B 23 -12.23 -30.69 -8.74
CA VAL B 23 -12.93 -29.45 -9.15
C VAL B 23 -12.13 -28.19 -8.74
N ILE B 24 -11.67 -27.46 -9.74
CA ILE B 24 -10.80 -26.27 -9.61
C ILE B 24 -11.57 -25.13 -8.97
N ARG B 25 -10.98 -24.45 -8.00
CA ARG B 25 -11.60 -23.21 -7.44
C ARG B 25 -11.36 -22.05 -8.42
N LYS B 26 -12.40 -21.38 -8.88
CA LYS B 26 -12.32 -20.42 -9.96
C LYS B 26 -12.02 -18.96 -9.53
N SER B 27 -11.98 -18.65 -8.24
CA SER B 27 -11.74 -17.26 -7.79
C SER B 27 -11.42 -17.20 -6.31
N GLY B 28 -11.24 -15.96 -5.81
CA GLY B 28 -10.94 -15.71 -4.46
C GLY B 28 -9.48 -15.91 -4.18
N LEU B 29 -9.09 -15.86 -2.89
CA LEU B 29 -7.72 -16.14 -2.42
C LEU B 29 -7.15 -17.52 -2.80
N SER B 30 -8.00 -18.57 -2.83
CA SER B 30 -7.56 -19.95 -3.19
C SER B 30 -7.81 -20.29 -4.67
N ALA B 31 -8.14 -19.30 -5.49
CA ALA B 31 -8.22 -19.46 -6.96
C ALA B 31 -7.21 -20.47 -7.51
N GLY B 32 -7.62 -21.50 -8.24
CA GLY B 32 -6.59 -22.39 -8.85
C GLY B 32 -6.13 -23.61 -8.04
N LYS B 33 -6.33 -23.59 -6.71
CA LYS B 33 -6.34 -24.86 -5.95
C LYS B 33 -7.62 -25.65 -6.33
N SER B 34 -7.74 -26.86 -5.81
CA SER B 34 -8.91 -27.71 -6.00
C SER B 34 -9.39 -28.44 -4.74
N ASP B 35 -10.70 -28.78 -4.77
CA ASP B 35 -11.32 -29.80 -3.93
C ASP B 35 -11.45 -31.17 -4.65
N VAL B 36 -11.12 -32.20 -3.90
CA VAL B 36 -11.25 -33.56 -4.38
C VAL B 36 -12.46 -34.23 -3.71
N TYR B 37 -13.30 -34.87 -4.52
CA TYR B 37 -14.54 -35.50 -4.01
C TYR B 37 -14.52 -36.98 -4.36
N TYR B 38 -15.25 -37.75 -3.57
CA TYR B 38 -15.41 -39.17 -3.82
C TYR B 38 -16.89 -39.51 -3.83
N PHE B 39 -17.24 -40.50 -4.65
CA PHE B 39 -18.59 -41.02 -4.74
C PHE B 39 -18.59 -42.55 -4.57
N SER B 40 -19.44 -43.06 -3.67
CA SER B 40 -19.69 -44.53 -3.52
C SER B 40 -20.51 -45.03 -4.72
N PRO B 41 -20.96 -46.29 -4.71
CA PRO B 41 -21.92 -46.72 -5.78
C PRO B 41 -23.30 -46.06 -5.66
N SER B 42 -23.82 -46.00 -4.43
CA SER B 42 -25.08 -45.31 -4.11
C SER B 42 -24.97 -43.85 -4.55
N GLY B 43 -23.76 -43.29 -4.56
CA GLY B 43 -23.51 -41.95 -5.06
C GLY B 43 -23.49 -40.92 -3.96
N LYS B 44 -23.27 -41.37 -2.72
CA LYS B 44 -22.93 -40.44 -1.61
C LYS B 44 -21.59 -39.74 -1.90
N LYS B 45 -21.60 -38.42 -1.74
CA LYS B 45 -20.44 -37.59 -1.97
C LYS B 45 -19.65 -37.61 -0.65
N PHE B 46 -18.34 -37.82 -0.74
CA PHE B 46 -17.44 -37.70 0.43
C PHE B 46 -16.44 -36.58 0.17
N ARG B 47 -16.19 -35.77 1.18
CA ARG B 47 -15.29 -34.59 1.05
C ARG B 47 -14.02 -34.65 1.90
N SER B 48 -13.83 -35.72 2.64
CA SER B 48 -12.68 -35.83 3.49
C SER B 48 -12.30 -37.28 3.74
N LYS B 49 -11.04 -37.42 4.13
CA LYS B 49 -10.51 -38.68 4.47
C LYS B 49 -11.17 -39.27 5.75
N PRO B 50 -11.39 -38.46 6.82
CA PRO B 50 -12.07 -39.07 7.96
C PRO B 50 -13.51 -39.45 7.65
N GLN B 51 -14.20 -38.69 6.82
CA GLN B 51 -15.58 -39.10 6.45
C GLN B 51 -15.66 -40.39 5.57
N LEU B 52 -14.74 -40.53 4.67
CA LEU B 52 -14.61 -41.69 3.84
C LEU B 52 -14.28 -42.95 4.71
N ALA B 53 -13.35 -42.79 5.68
CA ALA B 53 -13.00 -43.83 6.62
C ALA B 53 -14.15 -44.30 7.48
N ARG B 54 -14.94 -43.36 8.02
CA ARG B 54 -16.14 -43.67 8.81
C ARG B 54 -17.14 -44.50 8.02
N TYR B 55 -17.46 -44.09 6.79
CA TYR B 55 -18.45 -44.83 5.98
C TYR B 55 -17.97 -46.28 5.77
N LEU B 56 -16.64 -46.41 5.54
CA LEU B 56 -15.96 -47.71 5.27
C LEU B 56 -15.56 -48.59 6.49
N GLY B 57 -15.25 -47.92 7.61
CA GLY B 57 -14.62 -48.55 8.80
C GLY B 57 -13.56 -49.62 8.50
N ASN B 58 -13.76 -50.82 9.07
CA ASN B 58 -12.83 -51.95 8.94
C ASN B 58 -12.74 -52.60 7.54
N THR B 59 -13.64 -52.25 6.60
CA THR B 59 -13.72 -53.02 5.33
C THR B 59 -12.56 -52.71 4.38
N VAL B 60 -11.96 -51.54 4.55
CA VAL B 60 -10.87 -51.06 3.69
C VAL B 60 -9.80 -50.38 4.58
N ASP B 61 -8.53 -50.70 4.39
CA ASP B 61 -7.45 -50.03 5.17
C ASP B 61 -6.98 -48.75 4.40
N LEU B 62 -7.37 -47.60 4.92
CA LEU B 62 -7.10 -46.31 4.28
C LEU B 62 -5.95 -45.51 4.92
N SER B 63 -5.18 -46.16 5.80
CA SER B 63 -4.00 -45.56 6.40
C SER B 63 -3.00 -45.05 5.37
N SER B 64 -2.69 -45.83 4.33
CA SER B 64 -1.74 -45.38 3.28
C SER B 64 -2.43 -44.56 2.16
N PHE B 65 -3.74 -44.33 2.27
CA PHE B 65 -4.51 -43.76 1.20
C PHE B 65 -4.32 -42.22 1.15
N ASP B 66 -3.81 -41.73 0.03
CA ASP B 66 -3.69 -40.29 -0.14
C ASP B 66 -4.99 -39.68 -0.69
N PHE B 67 -5.71 -38.94 0.14
CA PHE B 67 -7.01 -38.43 -0.28
C PHE B 67 -6.94 -37.55 -1.54
N ARG B 68 -5.90 -36.75 -1.66
CA ARG B 68 -5.85 -35.74 -2.75
C ARG B 68 -5.62 -36.46 -4.10
N THR B 69 -4.71 -37.42 -4.14
CA THR B 69 -4.33 -38.10 -5.40
C THR B 69 -5.19 -39.31 -5.71
N GLY B 70 -5.74 -39.95 -4.68
CA GLY B 70 -6.45 -41.20 -4.86
C GLY B 70 -5.58 -42.44 -4.95
N LYS B 71 -4.37 -42.38 -4.39
CA LYS B 71 -3.38 -43.45 -4.48
C LYS B 71 -2.81 -43.77 -3.09
N MET B 72 -2.02 -44.85 -3.01
CA MET B 72 -1.48 -45.41 -1.77
C MET B 72 0.03 -45.16 -1.59
N MET B 73 0.45 -44.79 -0.39
CA MET B 73 1.87 -44.66 -0.07
N LYS E 7 11.39 10.95 7.07
CA LYS E 7 11.97 10.26 5.84
C LYS E 7 10.89 9.48 5.07
N ARG E 8 11.32 8.60 4.18
CA ARG E 8 10.38 7.81 3.41
C ARG E 8 10.04 6.51 4.13
N MET E 9 8.84 6.48 4.70
CA MET E 9 8.34 5.40 5.52
C MET E 9 7.39 4.56 4.69
N ASP E 10 7.59 3.25 4.69
CA ASP E 10 6.55 2.33 4.24
C ASP E 10 5.20 2.72 4.83
N CYS E 11 4.14 2.51 4.08
CA CYS E 11 2.81 2.83 4.55
C CYS E 11 2.05 1.50 4.48
N PRO E 12 1.94 0.84 5.63
CA PRO E 12 1.43 -0.54 5.63
C PRO E 12 0.04 -0.73 5.04
N ALA E 13 -0.77 0.33 5.05
CA ALA E 13 -2.19 0.21 4.76
C ALA E 13 -2.43 0.33 3.27
N LEU E 14 -1.37 0.61 2.52
CA LEU E 14 -1.41 0.62 1.09
C LEU E 14 -0.61 -0.61 0.68
N PRO E 15 -0.68 -0.97 -0.62
CA PRO E 15 0.07 -2.10 -1.14
C PRO E 15 1.58 -1.96 -0.93
N PRO E 16 2.34 -3.06 -1.15
CA PRO E 16 3.76 -3.08 -0.78
C PRO E 16 4.52 -2.15 -1.68
N GLY E 17 5.53 -1.49 -1.14
CA GLY E 17 6.35 -0.55 -1.88
C GLY E 17 5.80 0.88 -1.85
N TRP E 18 4.58 1.06 -1.36
CA TRP E 18 4.04 2.38 -1.17
C TRP E 18 4.72 3.07 0.01
N LYS E 19 5.16 4.32 -0.17
CA LYS E 19 5.82 5.09 0.93
C LYS E 19 5.12 6.43 1.14
N LYS E 20 5.37 7.05 2.29
CA LYS E 20 4.70 8.22 2.84
C LYS E 20 5.85 9.02 3.40
N GLU E 21 5.85 10.32 3.18
CA GLU E 21 6.81 11.28 3.77
C GLU E 21 6.00 12.47 4.17
N GLU E 22 6.36 13.07 5.28
CA GLU E 22 5.71 14.28 5.75
C GLU E 22 6.77 15.37 5.81
N VAL E 23 6.51 16.53 5.19
CA VAL E 23 7.51 17.59 5.09
C VAL E 23 6.95 18.81 5.79
N ILE E 24 7.73 19.34 6.71
CA ILE E 24 7.38 20.59 7.42
C ILE E 24 7.71 21.79 6.55
N ARG E 25 6.74 22.66 6.31
CA ARG E 25 7.02 23.93 5.62
C ARG E 25 8.01 24.85 6.38
N LYS E 26 9.11 25.28 5.76
CA LYS E 26 10.16 26.11 6.40
C LYS E 26 9.69 27.56 6.59
N SER E 27 8.77 28.01 5.74
CA SER E 27 8.42 29.47 5.62
C SER E 27 7.03 29.81 5.01
N GLY E 28 6.69 31.08 4.96
CA GLY E 28 5.48 31.51 4.31
C GLY E 28 4.44 31.57 5.36
N LEU E 29 3.21 31.84 4.99
CA LEU E 29 2.19 32.05 6.01
C LEU E 29 1.79 30.73 6.66
N SER E 30 1.94 29.60 5.92
CA SER E 30 1.78 28.24 6.51
C SER E 30 3.05 27.61 7.10
N ALA E 31 4.07 28.42 7.40
CA ALA E 31 5.29 27.95 8.05
C ALA E 31 5.03 27.08 9.29
N GLY E 32 5.66 25.91 9.36
CA GLY E 32 5.48 25.02 10.51
C GLY E 32 4.46 23.94 10.27
N LYS E 33 3.50 24.18 9.39
CA LYS E 33 2.50 23.16 8.96
C LYS E 33 3.14 22.05 8.12
N SER E 34 2.40 21.02 7.74
CA SER E 34 3.05 19.94 7.02
C SER E 34 2.32 19.55 5.76
N ASP E 35 3.09 19.06 4.77
CA ASP E 35 2.57 18.47 3.59
C ASP E 35 2.91 16.92 3.65
N VAL E 36 1.88 16.09 3.50
CA VAL E 36 2.02 14.62 3.35
C VAL E 36 2.09 14.26 1.90
N TYR E 37 3.16 13.54 1.55
CA TYR E 37 3.34 13.00 0.20
C TYR E 37 3.37 11.45 0.23
N TYR E 38 2.79 10.78 -0.79
CA TYR E 38 2.93 9.32 -0.97
C TYR E 38 3.71 9.06 -2.26
N PHE E 39 4.42 7.93 -2.25
CA PHE E 39 5.16 7.48 -3.40
C PHE E 39 4.80 6.02 -3.81
N SER E 40 4.61 5.81 -5.12
CA SER E 40 4.32 4.49 -5.65
C SER E 40 5.59 3.65 -5.59
N PRO E 41 5.48 2.35 -5.79
CA PRO E 41 6.71 1.59 -5.98
C PRO E 41 7.46 2.08 -7.25
N SER E 42 6.71 2.41 -8.31
CA SER E 42 7.29 3.04 -9.55
C SER E 42 7.96 4.37 -9.27
N GLY E 43 7.68 4.99 -8.12
CA GLY E 43 8.38 6.21 -7.69
C GLY E 43 7.61 7.55 -7.78
N LYS E 44 6.41 7.52 -8.34
CA LYS E 44 5.54 8.67 -8.60
C LYS E 44 4.95 9.27 -7.32
N LYS E 45 4.84 10.58 -7.32
CA LYS E 45 4.53 11.34 -6.17
C LYS E 45 3.04 11.68 -6.05
N PHE E 46 2.41 11.58 -4.89
CA PHE E 46 1.00 11.97 -4.78
C PHE E 46 0.82 12.93 -3.63
N ARG E 47 0.00 13.95 -3.85
CA ARG E 47 -0.12 15.06 -2.90
C ARG E 47 -1.49 15.18 -2.32
N SER E 48 -2.44 14.38 -2.82
CA SER E 48 -3.78 14.32 -2.31
C SER E 48 -4.45 12.94 -2.46
N LYS E 49 -5.57 12.82 -1.79
CA LYS E 49 -6.40 11.62 -1.81
C LYS E 49 -7.01 11.33 -3.19
N PRO E 50 -7.64 12.33 -3.81
CA PRO E 50 -8.20 12.02 -5.15
C PRO E 50 -7.14 11.70 -6.25
N GLN E 51 -5.93 12.23 -6.14
CA GLN E 51 -4.86 11.84 -7.11
C GLN E 51 -4.50 10.39 -6.90
N LEU E 52 -4.45 9.99 -5.64
CA LEU E 52 -4.12 8.62 -5.26
C LEU E 52 -5.20 7.64 -5.76
N ALA E 53 -6.47 8.05 -5.66
CA ALA E 53 -7.62 7.25 -6.14
C ALA E 53 -7.64 7.11 -7.65
N ARG E 54 -7.35 8.19 -8.38
CA ARG E 54 -7.24 8.19 -9.85
C ARG E 54 -6.20 7.22 -10.36
N TYR E 55 -5.14 7.00 -9.59
CA TYR E 55 -4.07 6.10 -10.03
C TYR E 55 -4.39 4.65 -9.66
N LEU E 56 -4.86 4.46 -8.45
CA LEU E 56 -5.14 3.11 -7.90
C LEU E 56 -6.40 2.47 -8.44
N GLY E 57 -7.46 3.28 -8.52
CA GLY E 57 -8.77 2.86 -8.93
C GLY E 57 -9.28 1.74 -8.04
N ASN E 58 -9.84 0.71 -8.65
CA ASN E 58 -10.48 -0.28 -7.79
C ASN E 58 -9.54 -1.32 -7.17
N THR E 59 -8.22 -1.19 -7.33
CA THR E 59 -7.29 -2.09 -6.62
C THR E 59 -7.31 -1.84 -5.10
N VAL E 60 -7.66 -0.64 -4.65
CA VAL E 60 -7.69 -0.39 -3.23
C VAL E 60 -8.92 0.48 -2.92
N ASP E 61 -9.49 0.22 -1.75
CA ASP E 61 -10.69 0.85 -1.21
C ASP E 61 -10.17 1.89 -0.25
N LEU E 62 -10.11 3.14 -0.70
CA LEU E 62 -9.64 4.26 0.13
C LEU E 62 -10.79 5.08 0.72
N SER E 63 -11.99 4.50 0.78
CA SER E 63 -13.10 5.23 1.39
C SER E 63 -12.77 5.64 2.83
N SER E 64 -12.20 4.72 3.62
CA SER E 64 -11.86 5.01 5.03
C SER E 64 -10.44 5.55 5.29
N PHE E 65 -9.63 5.67 4.24
CA PHE E 65 -8.19 5.92 4.33
C PHE E 65 -7.93 7.40 4.67
N ASP E 66 -7.23 7.65 5.78
CA ASP E 66 -6.90 9.03 6.21
C ASP E 66 -5.57 9.42 5.58
N PHE E 67 -5.64 10.32 4.61
CA PHE E 67 -4.45 10.80 3.88
C PHE E 67 -3.33 11.33 4.78
N ARG E 68 -3.69 12.05 5.83
CA ARG E 68 -2.71 12.69 6.69
C ARG E 68 -1.87 11.71 7.49
N THR E 69 -2.49 10.67 8.01
CA THR E 69 -1.86 9.76 8.93
C THR E 69 -1.44 8.47 8.25
N GLY E 70 -1.93 8.15 7.05
CA GLY E 70 -1.66 6.83 6.42
C GLY E 70 -2.39 5.58 6.95
N LYS E 71 -3.49 5.80 7.68
CA LYS E 71 -4.20 4.80 8.39
C LYS E 71 -5.62 4.73 7.83
N MET E 72 -6.18 3.52 7.81
CA MET E 72 -7.63 3.30 7.66
C MET E 72 -8.35 3.58 9.03
N MET E 73 -9.52 4.26 9.00
CA MET E 73 -10.28 4.61 10.24
C MET E 73 -11.68 3.99 10.32
N PRO E 74 -12.05 3.37 11.47
CA PRO E 74 -13.39 2.84 11.72
N LYS F 7 10.79 38.52 -28.41
CA LYS F 7 10.69 40.04 -28.48
C LYS F 7 10.64 40.68 -27.08
N ARG F 8 11.44 41.74 -26.92
CA ARG F 8 11.53 42.47 -25.64
C ARG F 8 10.69 43.76 -25.67
N MET F 9 9.67 43.75 -24.81
CA MET F 9 8.74 44.88 -24.68
C MET F 9 9.15 45.83 -23.53
N ASP F 10 9.26 47.13 -23.83
CA ASP F 10 9.43 48.17 -22.78
C ASP F 10 8.30 47.96 -21.74
N CYS F 11 8.67 48.06 -20.46
CA CYS F 11 7.70 47.93 -19.38
C CYS F 11 7.51 49.28 -18.57
N PRO F 12 6.59 50.15 -19.01
CA PRO F 12 6.52 51.54 -18.45
C PRO F 12 6.26 51.68 -16.92
N ALA F 13 5.78 50.66 -16.24
CA ALA F 13 5.67 50.67 -14.77
C ALA F 13 7.05 50.68 -14.05
N LEU F 14 8.08 50.12 -14.69
CA LEU F 14 9.45 50.21 -14.21
C LEU F 14 10.21 51.45 -14.79
N PRO F 15 11.43 51.76 -14.24
CA PRO F 15 12.26 52.78 -14.89
C PRO F 15 12.50 52.53 -16.40
N PRO F 16 12.78 53.63 -17.15
CA PRO F 16 13.09 53.49 -18.58
C PRO F 16 14.34 52.62 -18.78
N GLY F 17 14.39 51.99 -19.96
CA GLY F 17 15.37 50.94 -20.28
C GLY F 17 14.76 49.57 -20.10
N TRP F 18 14.21 49.32 -18.89
CA TRP F 18 13.66 47.98 -18.48
C TRP F 18 12.68 47.40 -19.49
N LYS F 19 12.96 46.14 -19.89
CA LYS F 19 12.06 45.38 -20.78
C LYS F 19 11.52 44.07 -20.17
N LYS F 20 10.43 43.58 -20.78
CA LYS F 20 9.71 42.37 -20.36
C LYS F 20 9.58 41.47 -21.56
N GLU F 21 9.93 40.20 -21.37
CA GLU F 21 9.84 39.20 -22.41
C GLU F 21 9.12 37.96 -21.81
N GLU F 22 8.25 37.37 -22.59
CA GLU F 22 7.50 36.18 -22.22
C GLU F 22 7.85 35.18 -23.25
N VAL F 23 8.15 33.96 -22.81
CA VAL F 23 8.58 32.87 -23.67
C VAL F 23 7.82 31.56 -23.31
N ILE F 24 7.09 31.01 -24.28
CA ILE F 24 6.27 29.83 -24.13
C ILE F 24 7.15 28.61 -23.98
N ARG F 25 6.81 27.77 -23.00
CA ARG F 25 7.37 26.42 -22.89
C ARG F 25 6.77 25.57 -24.07
N LYS F 26 7.62 25.03 -24.91
CA LYS F 26 7.22 24.34 -26.12
C LYS F 26 7.06 22.82 -25.97
N SER F 27 7.45 22.22 -24.84
CA SER F 27 7.29 20.75 -24.65
C SER F 27 7.27 20.35 -23.18
N GLY F 28 7.12 19.03 -22.93
CA GLY F 28 7.19 18.50 -21.61
C GLY F 28 5.88 18.68 -20.88
N LEU F 29 5.89 18.37 -19.57
CA LEU F 29 4.69 18.46 -18.73
C LEU F 29 4.03 19.87 -18.63
N SER F 30 4.87 20.93 -18.70
CA SER F 30 4.45 22.37 -18.66
C SER F 30 4.35 23.02 -20.04
N ALA F 31 4.35 22.23 -21.13
CA ALA F 31 4.18 22.78 -22.47
C ALA F 31 2.99 23.76 -22.47
N GLY F 32 3.08 24.92 -23.09
CA GLY F 32 1.89 25.82 -23.08
C GLY F 32 1.98 26.91 -22.02
N LYS F 33 2.58 26.63 -20.88
CA LYS F 33 2.91 27.71 -19.92
C LYS F 33 4.05 28.64 -20.43
N SER F 34 4.32 29.71 -19.69
CA SER F 34 5.36 30.66 -20.02
C SER F 34 6.21 31.08 -18.84
N ASP F 35 7.45 31.45 -19.15
CA ASP F 35 8.30 32.13 -18.24
C ASP F 35 8.41 33.62 -18.62
N VAL F 36 8.61 34.46 -17.61
CA VAL F 36 8.65 35.86 -17.78
C VAL F 36 10.00 36.36 -17.26
N TYR F 37 10.68 37.12 -18.14
CA TYR F 37 11.98 37.63 -17.85
C TYR F 37 11.94 39.17 -17.91
N TYR F 38 12.76 39.77 -17.07
CA TYR F 38 12.99 41.21 -17.13
C TYR F 38 14.46 41.45 -17.43
N PHE F 39 14.70 42.55 -18.14
CA PHE F 39 16.04 43.00 -18.46
C PHE F 39 16.23 44.44 -18.03
N SER F 40 17.28 44.70 -17.26
CA SER F 40 17.68 46.08 -16.87
C SER F 40 18.00 46.87 -18.12
N PRO F 41 18.30 48.19 -17.96
CA PRO F 41 18.88 48.90 -19.11
C PRO F 41 20.28 48.40 -19.49
N SER F 42 21.03 47.89 -18.49
CA SER F 42 22.37 47.26 -18.72
C SER F 42 22.32 45.83 -19.36
N GLY F 43 21.11 45.27 -19.52
CA GLY F 43 20.90 43.94 -20.16
C GLY F 43 20.81 42.75 -19.22
N LYS F 44 20.95 43.01 -17.93
CA LYS F 44 20.91 41.98 -16.88
C LYS F 44 19.53 41.33 -16.77
N LYS F 45 19.54 40.00 -16.67
CA LYS F 45 18.33 39.20 -16.81
C LYS F 45 17.89 38.88 -15.40
N PHE F 46 16.61 39.04 -15.13
CA PHE F 46 16.01 38.70 -13.85
C PHE F 46 14.85 37.77 -14.07
N ARG F 47 14.73 36.74 -13.23
CA ARG F 47 13.73 35.69 -13.46
C ARG F 47 12.70 35.55 -12.33
N SER F 48 12.84 36.31 -11.25
CA SER F 48 11.91 36.30 -10.15
C SER F 48 11.73 37.71 -9.59
N LYS F 49 10.60 37.92 -8.94
CA LYS F 49 10.27 39.20 -8.29
C LYS F 49 11.15 39.50 -7.07
N PRO F 50 11.49 38.50 -6.23
CA PRO F 50 12.51 38.80 -5.20
C PRO F 50 13.87 39.33 -5.76
N GLN F 51 14.41 38.67 -6.79
CA GLN F 51 15.68 39.06 -7.52
C GLN F 51 15.51 40.47 -8.15
N LEU F 52 14.33 40.73 -8.73
CA LEU F 52 14.08 42.01 -9.26
C LEU F 52 14.05 43.04 -8.11
N ALA F 53 13.41 42.70 -6.98
CA ALA F 53 13.26 43.63 -5.84
C ALA F 53 14.56 44.00 -5.13
N ARG F 54 15.46 43.02 -4.97
CA ARG F 54 16.81 43.20 -4.42
C ARG F 54 17.70 44.10 -5.33
N TYR F 55 17.70 43.90 -6.65
CA TYR F 55 18.43 44.82 -7.57
C TYR F 55 17.91 46.22 -7.41
N LEU F 56 16.60 46.37 -7.59
CA LEU F 56 15.97 47.69 -7.56
C LEU F 56 16.01 48.39 -6.17
N GLY F 57 15.94 47.62 -5.07
CA GLY F 57 16.05 48.11 -3.70
C GLY F 57 14.92 49.02 -3.27
N ASN F 58 15.13 49.81 -2.22
CA ASN F 58 14.12 50.75 -1.73
C ASN F 58 14.07 52.07 -2.55
N THR F 59 14.61 52.05 -3.78
CA THR F 59 14.38 53.09 -4.78
C THR F 59 12.95 52.97 -5.31
N VAL F 60 12.64 51.77 -5.84
CA VAL F 60 11.32 51.40 -6.40
C VAL F 60 10.57 50.53 -5.36
N ASP F 61 9.24 50.66 -5.30
CA ASP F 61 8.38 49.81 -4.45
C ASP F 61 7.52 48.92 -5.35
N LEU F 62 7.75 47.61 -5.24
CA LEU F 62 7.12 46.62 -6.09
C LEU F 62 6.07 45.79 -5.36
N SER F 63 5.73 46.17 -4.13
CA SER F 63 4.62 45.58 -3.38
C SER F 63 3.44 45.24 -4.29
N SER F 64 3.02 46.19 -5.12
CA SER F 64 1.84 46.06 -5.98
C SER F 64 2.18 45.69 -7.44
N PHE F 65 3.41 45.31 -7.68
CA PHE F 65 3.87 45.02 -9.00
C PHE F 65 3.66 43.51 -9.33
N ASP F 66 2.92 43.22 -10.36
CA ASP F 66 2.57 41.85 -10.70
C ASP F 66 3.67 41.38 -11.66
N PHE F 67 4.58 40.59 -11.13
CA PHE F 67 5.67 40.05 -11.94
C PHE F 67 5.20 39.48 -13.27
N ARG F 68 4.14 38.71 -13.24
CA ARG F 68 3.77 37.96 -14.43
C ARG F 68 3.36 38.93 -15.54
N THR F 69 2.57 39.97 -15.21
CA THR F 69 2.02 40.85 -16.26
C THR F 69 2.83 42.12 -16.48
N GLY F 70 3.65 42.47 -15.51
CA GLY F 70 4.41 43.69 -15.57
C GLY F 70 3.60 44.94 -15.33
N LYS F 71 2.42 44.82 -14.72
CA LYS F 71 1.59 46.00 -14.37
C LYS F 71 1.47 46.14 -12.84
N MET F 72 1.31 47.39 -12.35
CA MET F 72 0.90 47.62 -10.95
C MET F 72 -0.63 47.41 -10.81
N MET F 73 -1.08 47.03 -9.60
CA MET F 73 -2.55 47.00 -9.22
C MET F 73 -3.06 48.32 -8.64
N PRO F 74 -4.39 48.47 -8.51
CA PRO F 74 -4.88 49.66 -7.83
#